data_9HVB
#
_entry.id   9HVB
#
_cell.length_a   98.541
_cell.length_b   98.541
_cell.length_c   40.483
_cell.angle_alpha   90.00
_cell.angle_beta   90.00
_cell.angle_gamma   120.00
#
_symmetry.space_group_name_H-M   'P 61'
#
loop_
_entity.id
_entity.type
_entity.pdbx_description
1 polymer 'Kemp eliminase'
2 non-polymer 'SULFATE ION'
3 water water
#
_entity_poly.entity_id   1
_entity_poly.type   'polypeptide(L)'
_entity_poly.pdbx_seq_one_letter_code
;PSALDAIVADVREDVAAREAVVPFDEIKERAARAPPPRDVLAALRAPGVGIIAVYLRKSPSGLDVERDPIEYAKTAEKYA
VALVVITDEKYHNGSYEDLEKIRSAVDIPVICFDFIVDPYQIYLARAYQADAIVLILSVLDDEQYRQLAAVAHSLNMGVI
VDVHTEEELERALKAGAEIIGIVNQDLKTFEVDRNTAERLGRLARERGFTGVLLAIGGYSTKEELKSMRGLFDAVVIGES
LMRAPDPEKAIRELVG
;
_entity_poly.pdbx_strand_id   A
#
# COMPACT_ATOMS: atom_id res chain seq x y z
N PRO A 1 -11.55 -15.50 19.13
CA PRO A 1 -10.15 -15.58 18.69
C PRO A 1 -10.02 -15.21 17.21
N SER A 2 -9.15 -14.26 16.89
CA SER A 2 -9.06 -13.74 15.53
C SER A 2 -7.81 -12.90 15.33
N ALA A 3 -6.86 -13.42 14.54
CA ALA A 3 -5.63 -12.69 14.27
C ALA A 3 -5.91 -11.38 13.54
N LEU A 4 -6.90 -11.38 12.64
CA LEU A 4 -7.20 -10.17 11.89
C LEU A 4 -7.85 -9.11 12.78
N ASP A 5 -8.76 -9.54 13.66
CA ASP A 5 -9.36 -8.61 14.62
C ASP A 5 -8.28 -7.98 15.50
N ALA A 6 -7.30 -8.77 15.93
CA ALA A 6 -6.24 -8.24 16.78
C ALA A 6 -5.43 -7.18 16.04
N ILE A 7 -5.16 -7.41 14.76
CA ILE A 7 -4.37 -6.46 13.97
C ILE A 7 -5.13 -5.14 13.81
N VAL A 8 -6.45 -5.23 13.56
CA VAL A 8 -7.25 -4.03 13.39
C VAL A 8 -7.31 -3.25 14.70
N ALA A 9 -7.46 -3.97 15.81
CA ALA A 9 -7.45 -3.31 17.12
C ALA A 9 -6.11 -2.63 17.39
N ASP A 10 -5.00 -3.29 17.05
CA ASP A 10 -3.68 -2.67 17.21
C ASP A 10 -3.61 -1.34 16.48
N VAL A 11 -4.04 -1.34 15.21
CA VAL A 11 -3.96 -0.14 14.38
C VAL A 11 -4.84 0.97 14.94
N ARG A 12 -6.06 0.62 15.35
CA ARG A 12 -6.97 1.64 15.87
C ARG A 12 -6.44 2.25 17.17
N GLU A 13 -5.84 1.44 18.04
CA GLU A 13 -5.24 2.02 19.25
C GLU A 13 -3.95 2.77 18.95
N ASP A 14 -3.18 2.30 17.96
CA ASP A 14 -2.02 3.08 17.52
C ASP A 14 -2.44 4.48 17.09
N VAL A 15 -3.53 4.58 16.32
CA VAL A 15 -4.03 5.88 15.88
C VAL A 15 -4.45 6.72 17.08
N ALA A 16 -5.20 6.11 18.02
CA ALA A 16 -5.67 6.83 19.19
C ALA A 16 -4.51 7.43 19.98
N ALA A 17 -3.41 6.69 20.09
CA ALA A 17 -2.24 7.19 20.81
C ALA A 17 -1.56 8.32 20.05
N ARG A 18 -1.42 8.19 18.74
CA ARG A 18 -0.85 9.27 17.95
C ARG A 18 -1.71 10.52 18.03
N GLU A 19 -3.04 10.35 17.98
CA GLU A 19 -3.93 11.52 17.98
C GLU A 19 -3.84 12.32 19.27
N ALA A 20 -3.50 11.66 20.39
CA ALA A 20 -3.42 12.36 21.67
C ALA A 20 -2.29 13.38 21.72
N VAL A 21 -1.33 13.32 20.80
CA VAL A 21 -0.24 14.28 20.76
C VAL A 21 -0.20 15.05 19.44
N VAL A 22 -0.53 14.39 18.33
CA VAL A 22 -0.72 15.08 17.06
C VAL A 22 -2.16 14.88 16.62
N PRO A 23 -3.07 15.81 16.95
CA PRO A 23 -4.49 15.60 16.67
C PRO A 23 -4.79 15.53 15.18
N PHE A 24 -5.96 14.96 14.88
CA PHE A 24 -6.40 14.75 13.50
C PHE A 24 -6.33 16.03 12.67
N ASP A 25 -6.79 17.15 13.23
CA ASP A 25 -6.76 18.39 12.47
C ASP A 25 -5.35 18.83 12.15
N GLU A 26 -4.42 18.61 13.08
CA GLU A 26 -3.03 18.98 12.81
C GLU A 26 -2.37 18.09 11.75
N ILE A 27 -2.61 16.77 11.80
CA ILE A 27 -1.98 15.92 10.77
C ILE A 27 -2.58 16.23 9.39
N LYS A 28 -3.85 16.62 9.32
CA LYS A 28 -4.46 17.00 8.05
C LYS A 28 -3.74 18.19 7.45
N GLU A 29 -3.48 19.22 8.28
CA GLU A 29 -2.78 20.40 7.80
C GLU A 29 -1.37 20.07 7.35
N ARG A 30 -0.66 19.24 8.11
CA ARG A 30 0.71 18.89 7.71
C ARG A 30 0.69 18.12 6.39
N ALA A 31 -0.30 17.23 6.22
CA ALA A 31 -0.41 16.48 4.97
C ALA A 31 -0.71 17.42 3.80
N ALA A 32 -1.65 18.35 3.99
CA ALA A 32 -1.99 19.26 2.90
C ALA A 32 -0.82 20.15 2.51
N ARG A 33 0.06 20.47 3.45
CA ARG A 33 1.21 21.31 3.15
C ARG A 33 2.44 20.54 2.68
N ALA A 34 2.37 19.21 2.62
CA ALA A 34 3.53 18.44 2.20
C ALA A 34 3.80 18.67 0.71
N PRO A 35 5.03 18.40 0.25
CA PRO A 35 5.32 18.58 -1.17
C PRO A 35 4.60 17.55 -2.00
N PRO A 36 4.17 17.91 -3.22
CA PRO A 36 3.24 17.05 -3.95
C PRO A 36 3.84 15.68 -4.22
N PRO A 37 2.99 14.66 -4.29
CA PRO A 37 3.49 13.30 -4.53
C PRO A 37 4.14 13.12 -5.89
N ARG A 38 5.14 12.24 -5.93
CA ARG A 38 5.63 11.72 -7.21
C ARG A 38 4.56 10.78 -7.80
N ASP A 39 4.61 10.59 -9.11
CA ASP A 39 3.52 9.91 -9.82
C ASP A 39 3.77 8.40 -9.85
N VAL A 40 3.15 7.66 -8.92
CA VAL A 40 3.34 6.21 -8.86
C VAL A 40 2.70 5.53 -10.07
N LEU A 41 1.53 6.00 -10.48
CA LEU A 41 0.86 5.33 -11.61
C LEU A 41 1.74 5.33 -12.86
N ALA A 42 2.38 6.47 -13.17
CA ALA A 42 3.21 6.55 -14.38
C ALA A 42 4.45 5.68 -14.26
N ALA A 43 5.02 5.60 -13.07
CA ALA A 43 6.18 4.72 -12.88
C ALA A 43 5.81 3.26 -13.09
N LEU A 44 4.60 2.86 -12.69
CA LEU A 44 4.19 1.47 -12.85
C LEU A 44 3.73 1.17 -14.27
N ARG A 45 3.14 2.16 -14.96
CA ARG A 45 2.66 1.99 -16.33
C ARG A 45 3.79 1.95 -17.35
N ALA A 46 4.98 2.40 -16.97
CA ALA A 46 6.12 2.46 -17.88
C ALA A 46 6.32 1.13 -18.57
N PRO A 47 6.80 1.12 -19.81
CA PRO A 47 6.99 -0.15 -20.52
C PRO A 47 7.89 -1.10 -19.76
N GLY A 48 7.55 -2.39 -19.83
CA GLY A 48 8.29 -3.42 -19.15
C GLY A 48 7.71 -3.72 -17.78
N VAL A 49 8.14 -4.84 -17.21
CA VAL A 49 7.72 -5.26 -15.88
C VAL A 49 8.62 -4.56 -14.88
N GLY A 50 8.12 -3.52 -14.23
CA GLY A 50 8.92 -2.79 -13.28
C GLY A 50 9.12 -3.56 -11.99
N ILE A 51 10.28 -3.36 -11.38
CA ILE A 51 10.56 -3.94 -10.07
C ILE A 51 10.19 -2.91 -9.01
N ILE A 52 9.42 -3.33 -8.02
CA ILE A 52 9.13 -2.52 -6.85
C ILE A 52 9.93 -3.11 -5.70
N ALA A 53 10.96 -2.41 -5.25
CA ALA A 53 11.81 -2.90 -4.17
C ALA A 53 11.16 -2.59 -2.84
N VAL A 54 11.45 -3.41 -1.84
CA VAL A 54 10.84 -3.25 -0.52
C VAL A 54 11.92 -3.08 0.52
N TYR A 55 11.74 -2.06 1.37
CA TYR A 55 12.54 -1.86 2.55
C TYR A 55 11.75 -2.20 3.83
N ASP A 68 21.12 -0.66 6.38
CA ASP A 68 20.95 0.78 6.45
C ASP A 68 19.92 1.26 5.42
N PRO A 69 18.95 2.05 5.89
CA PRO A 69 17.86 2.47 4.98
C PRO A 69 18.36 3.24 3.77
N ILE A 70 19.18 4.27 3.98
CA ILE A 70 19.59 5.12 2.87
C ILE A 70 20.39 4.32 1.85
N GLU A 71 21.31 3.48 2.32
CA GLU A 71 22.15 2.71 1.39
C GLU A 71 21.29 1.79 0.52
N TYR A 72 20.34 1.08 1.14
CA TYR A 72 19.49 0.18 0.36
C TYR A 72 18.63 0.95 -0.62
N ALA A 73 18.11 2.11 -0.21
CA ALA A 73 17.25 2.90 -1.10
C ALA A 73 18.04 3.42 -2.31
N LYS A 74 19.22 3.99 -2.07
CA LYS A 74 20.02 4.52 -3.18
C LYS A 74 20.47 3.40 -4.11
N THR A 75 20.75 2.22 -3.56
CA THR A 75 21.01 1.07 -4.41
C THR A 75 19.78 0.71 -5.22
N ALA A 76 18.62 0.62 -4.54
CA ALA A 76 17.40 0.16 -5.19
C ALA A 76 16.95 1.10 -6.30
N GLU A 77 17.15 2.41 -6.14
CA GLU A 77 16.71 3.35 -7.17
C GLU A 77 17.46 3.20 -8.49
N LYS A 78 18.62 2.53 -8.50
CA LYS A 78 19.34 2.33 -9.75
C LYS A 78 18.61 1.40 -10.71
N TYR A 79 17.68 0.57 -10.22
CA TYR A 79 16.98 -0.40 -11.07
C TYR A 79 15.49 -0.51 -10.82
N ALA A 80 14.94 -0.07 -9.69
CA ALA A 80 13.52 -0.19 -9.38
C ALA A 80 12.72 1.02 -9.87
N VAL A 81 11.45 0.80 -10.17
CA VAL A 81 10.56 1.87 -10.60
C VAL A 81 9.93 2.57 -9.40
N ALA A 82 9.82 1.87 -8.28
CA ALA A 82 9.24 2.43 -7.06
C ALA A 82 9.81 1.67 -5.88
N LEU A 83 9.64 2.24 -4.70
CA LEU A 83 10.12 1.65 -3.46
C LEU A 83 8.94 1.51 -2.51
N VAL A 84 8.84 0.37 -1.83
CA VAL A 84 7.83 0.18 -0.79
C VAL A 84 8.53 0.28 0.56
N VAL A 85 7.97 1.08 1.46
CA VAL A 85 8.50 1.22 2.80
C VAL A 85 7.41 0.74 3.74
N ILE A 86 7.68 -0.32 4.47
CA ILE A 86 6.72 -0.85 5.42
C ILE A 86 6.83 -0.02 6.70
N THR A 87 5.71 0.53 7.17
CA THR A 87 5.76 1.38 8.36
C THR A 87 5.10 0.71 9.55
N ASP A 88 5.32 1.32 10.70
CA ASP A 88 4.88 0.83 11.99
C ASP A 88 4.08 1.95 12.65
N GLU A 89 2.80 1.73 12.87
CA GLU A 89 1.95 2.76 13.45
C GLU A 89 2.13 2.93 14.96
N LYS A 90 2.91 2.07 15.62
CA LYS A 90 3.11 2.25 17.06
C LYS A 90 3.78 3.59 17.34
N TYR A 91 3.47 4.14 18.51
CA TYR A 91 3.86 5.50 18.84
C TYR A 91 5.37 5.64 18.97
N HIS A 92 5.93 6.69 18.34
CA HIS A 92 7.29 7.18 18.64
C HIS A 92 8.36 6.14 18.34
N ASN A 93 8.21 5.40 17.25
CA ASN A 93 9.18 4.38 16.86
C ASN A 93 10.01 4.78 15.64
N GLY A 94 9.92 6.03 15.19
CA GLY A 94 10.78 6.52 14.12
C GLY A 94 10.41 6.05 12.73
N SER A 95 9.40 5.19 12.61
CA SER A 95 9.10 4.54 11.35
C SER A 95 8.66 5.56 10.28
N TYR A 96 7.88 6.56 10.69
CA TYR A 96 7.42 7.53 9.68
C TYR A 96 8.52 8.54 9.37
N GLU A 97 9.32 8.91 10.37
CA GLU A 97 10.47 9.76 10.09
C GLU A 97 11.43 9.07 9.11
N ASP A 98 11.58 7.75 9.21
CA ASP A 98 12.51 7.06 8.31
C ASP A 98 11.94 6.97 6.90
N LEU A 99 10.63 6.76 6.79
CA LEU A 99 9.95 6.86 5.50
C LEU A 99 10.30 8.17 4.80
N GLU A 100 10.21 9.28 5.52
CA GLU A 100 10.50 10.59 4.94
C GLU A 100 11.96 10.71 4.53
N LYS A 101 12.87 10.25 5.40
CA LYS A 101 14.30 10.28 5.08
C LYS A 101 14.59 9.45 3.84
N ILE A 102 13.99 8.26 3.74
CA ILE A 102 14.25 7.39 2.59
C ILE A 102 13.72 8.03 1.31
N ARG A 103 12.46 8.50 1.36
CA ARG A 103 11.87 9.14 0.20
C ARG A 103 12.72 10.32 -0.27
N SER A 104 13.20 11.13 0.67
CA SER A 104 14.03 12.28 0.34
C SER A 104 15.39 11.89 -0.24
N ALA A 105 15.84 10.66 -0.03
CA ALA A 105 17.15 10.24 -0.52
C ALA A 105 17.11 9.65 -1.93
N VAL A 106 15.93 9.46 -2.52
CA VAL A 106 15.79 8.83 -3.84
C VAL A 106 14.92 9.72 -4.72
N ASP A 107 14.89 9.39 -6.01
CA ASP A 107 14.08 10.15 -6.96
C ASP A 107 12.95 9.32 -7.56
N ILE A 108 12.61 8.18 -6.97
CA ILE A 108 11.48 7.39 -7.46
C ILE A 108 10.34 7.48 -6.45
N PRO A 109 9.13 7.08 -6.81
CA PRO A 109 8.01 7.16 -5.86
C PRO A 109 8.15 6.12 -4.74
N VAL A 110 7.65 6.50 -3.57
CA VAL A 110 7.75 5.65 -2.37
C VAL A 110 6.33 5.32 -1.92
N ILE A 111 6.03 4.03 -1.90
CA ILE A 111 4.74 3.50 -1.45
C ILE A 111 4.87 3.24 0.04
N CYS A 112 4.00 3.86 0.84
CA CYS A 112 3.92 3.57 2.26
C CYS A 112 2.99 2.39 2.44
N PHE A 113 3.50 1.29 2.97
CA PHE A 113 2.68 0.09 3.11
C PHE A 113 2.43 -0.15 4.60
N ASP A 114 1.18 0.05 5.03
CA ASP A 114 0.73 -0.38 6.36
C ASP A 114 -0.73 -0.81 6.26
N PHE A 115 -1.35 -1.06 7.42
CA PHE A 115 -2.72 -1.56 7.55
C PHE A 115 -3.62 -0.36 7.82
N ILE A 116 -4.27 0.15 6.79
CA ILE A 116 -5.02 1.40 6.90
C ILE A 116 -6.50 1.07 7.13
N VAL A 117 -7.02 1.53 8.28
CA VAL A 117 -8.46 1.54 8.53
C VAL A 117 -8.99 2.92 8.85
N ASP A 118 -8.12 3.91 9.10
CA ASP A 118 -8.54 5.22 9.59
C ASP A 118 -7.95 6.33 8.71
N PRO A 119 -8.75 7.34 8.33
CA PRO A 119 -8.20 8.44 7.52
C PRO A 119 -6.96 9.10 8.12
N TYR A 120 -6.84 9.13 9.45
CA TYR A 120 -5.64 9.67 10.09
C TYR A 120 -4.36 9.08 9.49
N GLN A 121 -4.35 7.77 9.24
CA GLN A 121 -3.15 7.10 8.74
C GLN A 121 -2.78 7.55 7.33
N ILE A 122 -3.76 7.95 6.53
CA ILE A 122 -3.45 8.43 5.19
C ILE A 122 -2.84 9.82 5.24
N TYR A 123 -3.40 10.71 6.08
CA TYR A 123 -2.78 12.02 6.26
C TYR A 123 -1.39 11.88 6.85
N LEU A 124 -1.22 10.92 7.77
CA LEU A 124 0.08 10.64 8.35
C LEU A 124 1.10 10.25 7.28
N ALA A 125 0.75 9.30 6.42
CA ALA A 125 1.66 8.91 5.35
C ALA A 125 2.03 10.09 4.46
N ARG A 126 1.03 10.87 4.03
CA ARG A 126 1.29 12.02 3.17
C ARG A 126 2.16 13.06 3.87
N ALA A 127 1.93 13.27 5.17
CA ALA A 127 2.70 14.27 5.89
C ALA A 127 4.17 13.92 5.93
N TYR A 128 4.51 12.64 5.89
CA TYR A 128 5.90 12.20 5.84
C TYR A 128 6.34 11.87 4.41
N GLN A 129 5.60 12.38 3.42
CA GLN A 129 5.98 12.49 2.01
C GLN A 129 5.76 11.22 1.22
N ALA A 130 4.87 10.33 1.69
CA ALA A 130 4.55 9.14 0.91
C ALA A 130 3.87 9.55 -0.39
N ASP A 131 4.14 8.78 -1.44
CA ASP A 131 3.55 9.06 -2.74
C ASP A 131 2.33 8.21 -3.05
N ALA A 132 2.11 7.15 -2.28
CA ALA A 132 1.00 6.22 -2.50
C ALA A 132 0.81 5.41 -1.23
N ILE A 133 -0.39 4.84 -1.10
CA ILE A 133 -0.73 3.98 0.02
C ILE A 133 -1.43 2.75 -0.53
N VAL A 134 -1.60 1.75 0.34
CA VAL A 134 -2.28 0.51 0.00
C VAL A 134 -3.59 0.44 0.79
N LEU A 135 -4.65 -0.02 0.13
CA LEU A 135 -5.91 -0.35 0.79
C LEU A 135 -6.20 -1.82 0.58
N ILE A 136 -6.63 -2.50 1.64
CA ILE A 136 -6.76 -3.95 1.64
C ILE A 136 -8.25 -4.28 1.72
N LEU A 137 -8.79 -4.89 0.66
CA LEU A 137 -10.23 -5.06 0.60
C LEU A 137 -10.73 -6.20 1.51
N SER A 138 -9.85 -7.09 1.94
CA SER A 138 -10.24 -8.07 2.94
C SER A 138 -10.46 -7.43 4.32
N VAL A 139 -10.02 -6.19 4.50
CA VAL A 139 -10.11 -5.49 5.77
C VAL A 139 -11.23 -4.46 5.71
N LEU A 140 -11.51 -3.96 4.50
CA LEU A 140 -12.35 -2.78 4.33
C LEU A 140 -13.67 -3.16 3.67
N ASP A 141 -14.78 -2.62 4.18
CA ASP A 141 -16.02 -2.76 3.44
C ASP A 141 -16.15 -1.63 2.42
N ASP A 142 -17.21 -1.67 1.62
CA ASP A 142 -17.31 -0.76 0.49
C ASP A 142 -17.33 0.69 0.94
N GLU A 143 -18.06 0.98 2.02
CA GLU A 143 -18.11 2.35 2.53
C GLU A 143 -16.75 2.81 3.03
N GLN A 144 -16.03 1.96 3.78
CA GLN A 144 -14.69 2.31 4.22
C GLN A 144 -13.74 2.48 3.04
N TYR A 145 -13.84 1.59 2.05
CA TYR A 145 -13.05 1.70 0.83
C TYR A 145 -13.27 3.06 0.17
N ARG A 146 -14.55 3.42 -0.03
CA ARG A 146 -14.86 4.68 -0.68
C ARG A 146 -14.27 5.86 0.08
N GLN A 147 -14.39 5.85 1.41
CA GLN A 147 -13.89 6.97 2.23
C GLN A 147 -12.38 7.08 2.14
N LEU A 148 -11.67 5.94 2.35
CA LEU A 148 -10.21 6.00 2.43
C LEU A 148 -9.60 6.29 1.08
N ALA A 149 -10.13 5.68 0.02
CA ALA A 149 -9.67 6.04 -1.33
C ALA A 149 -9.87 7.53 -1.63
N ALA A 150 -11.03 8.07 -1.24
CA ALA A 150 -11.29 9.50 -1.44
C ALA A 150 -10.28 10.35 -0.71
N VAL A 151 -9.92 9.96 0.53
CA VAL A 151 -8.91 10.71 1.29
C VAL A 151 -7.57 10.72 0.55
N ALA A 152 -7.10 9.53 0.16
CA ALA A 152 -5.83 9.45 -0.58
C ALA A 152 -5.88 10.27 -1.85
N HIS A 153 -6.95 10.13 -2.63
CA HIS A 153 -7.02 10.83 -3.92
C HIS A 153 -7.15 12.34 -3.75
N SER A 154 -7.75 12.80 -2.65
CA SER A 154 -7.78 14.24 -2.36
C SER A 154 -6.39 14.83 -2.12
N LEU A 155 -5.41 13.99 -1.79
CA LEU A 155 -4.04 14.46 -1.59
C LEU A 155 -3.15 14.16 -2.78
N ASN A 156 -3.75 13.77 -3.91
CA ASN A 156 -3.06 13.39 -5.15
C ASN A 156 -2.14 12.18 -4.98
N MET A 157 -2.37 11.35 -3.96
CA MET A 157 -1.58 10.14 -3.75
C MET A 157 -2.15 8.96 -4.51
N GLY A 158 -1.28 8.07 -4.95
CA GLY A 158 -1.73 6.85 -5.61
C GLY A 158 -2.33 5.87 -4.61
N VAL A 159 -3.24 5.03 -5.10
CA VAL A 159 -3.92 4.04 -4.27
C VAL A 159 -3.69 2.67 -4.90
N ILE A 160 -3.07 1.77 -4.16
CA ILE A 160 -2.93 0.37 -4.55
C ILE A 160 -4.00 -0.42 -3.81
N VAL A 161 -4.87 -1.07 -4.56
CA VAL A 161 -5.97 -1.84 -3.98
C VAL A 161 -5.58 -3.31 -3.98
N ASP A 162 -5.30 -3.85 -2.80
CA ASP A 162 -4.87 -5.24 -2.66
C ASP A 162 -6.08 -6.15 -2.57
N VAL A 163 -6.10 -7.20 -3.40
CA VAL A 163 -7.20 -8.14 -3.47
C VAL A 163 -6.62 -9.55 -3.38
N HIS A 164 -7.41 -10.46 -2.79
CA HIS A 164 -6.98 -11.85 -2.66
C HIS A 164 -7.98 -12.86 -3.19
N THR A 165 -9.25 -12.52 -3.34
CA THR A 165 -10.26 -13.43 -3.80
C THR A 165 -10.94 -12.88 -5.05
N GLU A 166 -11.65 -13.77 -5.75
CA GLU A 166 -12.51 -13.37 -6.85
C GLU A 166 -13.46 -12.25 -6.44
N GLU A 167 -14.04 -12.33 -5.23
CA GLU A 167 -15.03 -11.34 -4.83
C GLU A 167 -14.38 -9.98 -4.55
N GLU A 168 -13.19 -9.98 -3.93
CA GLU A 168 -12.48 -8.73 -3.71
C GLU A 168 -12.07 -8.10 -5.04
N LEU A 169 -11.57 -8.92 -5.97
CA LEU A 169 -11.23 -8.42 -7.31
C LEU A 169 -12.42 -7.75 -7.97
N GLU A 170 -13.60 -8.38 -7.89
CA GLU A 170 -14.78 -7.79 -8.50
C GLU A 170 -15.13 -6.44 -7.87
N ARG A 171 -14.99 -6.33 -6.54
CA ARG A 171 -15.23 -5.05 -5.88
C ARG A 171 -14.27 -3.99 -6.41
N ALA A 172 -12.99 -4.33 -6.54
CA ALA A 172 -12.02 -3.38 -7.08
C ALA A 172 -12.35 -3.01 -8.52
N LEU A 173 -12.75 -3.99 -9.33
CA LEU A 173 -13.12 -3.70 -10.71
C LEU A 173 -14.30 -2.76 -10.77
N LYS A 174 -15.40 -3.12 -10.10
CA LYS A 174 -16.61 -2.31 -10.14
C LYS A 174 -16.37 -0.92 -9.59
N ALA A 175 -15.47 -0.77 -8.62
CA ALA A 175 -15.19 0.54 -8.04
C ALA A 175 -14.27 1.37 -8.93
N GLY A 176 -13.70 0.79 -9.98
CA GLY A 176 -12.86 1.54 -10.87
C GLY A 176 -11.45 1.73 -10.39
N ALA A 177 -10.94 0.81 -9.56
CA ALA A 177 -9.56 0.92 -9.11
C ALA A 177 -8.62 0.89 -10.30
N GLU A 178 -7.65 1.79 -10.31
CA GLU A 178 -6.69 1.86 -11.41
C GLU A 178 -5.47 0.99 -11.18
N ILE A 179 -5.09 0.76 -9.92
CA ILE A 179 -3.94 -0.08 -9.58
C ILE A 179 -4.43 -1.19 -8.66
N ILE A 180 -4.37 -2.43 -9.13
CA ILE A 180 -4.84 -3.58 -8.34
C ILE A 180 -3.65 -4.48 -8.08
N GLY A 181 -3.37 -4.71 -6.80
CA GLY A 181 -2.34 -5.66 -6.38
C GLY A 181 -2.99 -6.96 -5.96
N ILE A 182 -2.43 -8.07 -6.42
CA ILE A 182 -2.96 -9.39 -6.10
C ILE A 182 -2.03 -10.04 -5.10
N VAL A 183 -2.56 -10.42 -3.96
CA VAL A 183 -1.78 -10.98 -2.86
C VAL A 183 -2.19 -12.43 -2.67
N ASN A 184 -1.22 -13.27 -2.32
CA ASN A 184 -1.46 -14.70 -2.24
C ASN A 184 -1.92 -15.17 -0.86
N GLN A 185 -1.80 -14.32 0.17
CA GLN A 185 -2.17 -14.70 1.53
C GLN A 185 -3.61 -14.28 1.84
N ASP A 186 -4.33 -15.16 2.54
CA ASP A 186 -5.66 -14.84 3.06
C ASP A 186 -5.49 -14.23 4.45
N LEU A 187 -5.88 -12.97 4.62
CA LEU A 187 -5.60 -12.31 5.90
C LEU A 187 -6.56 -12.71 7.02
N LYS A 188 -7.60 -13.48 6.71
CA LYS A 188 -8.48 -13.94 7.78
C LYS A 188 -8.05 -15.31 8.30
N THR A 189 -7.84 -16.27 7.41
CA THR A 189 -7.40 -17.60 7.80
C THR A 189 -5.88 -17.71 7.87
N PHE A 190 -5.16 -16.78 7.24
CA PHE A 190 -3.70 -16.79 7.10
C PHE A 190 -3.19 -18.01 6.33
N GLU A 191 -4.02 -18.59 5.47
CA GLU A 191 -3.57 -19.62 4.55
C GLU A 191 -3.09 -18.96 3.25
N VAL A 192 -2.16 -19.61 2.56
CA VAL A 192 -1.56 -19.09 1.34
C VAL A 192 -2.01 -19.93 0.16
N ASP A 193 -2.48 -19.27 -0.91
CA ASP A 193 -2.89 -19.92 -2.16
C ASP A 193 -1.90 -19.47 -3.25
N ARG A 194 -0.86 -20.29 -3.48
CA ARG A 194 0.34 -19.89 -4.20
C ARG A 194 0.08 -19.48 -5.65
N ASN A 195 -1.12 -19.72 -6.18
CA ASN A 195 -1.41 -19.43 -7.57
C ASN A 195 -2.52 -18.40 -7.72
N THR A 196 -2.79 -17.62 -6.68
CA THR A 196 -3.83 -16.59 -6.76
C THR A 196 -3.45 -15.52 -7.80
N ALA A 197 -2.17 -15.15 -7.86
CA ALA A 197 -1.74 -14.06 -8.75
C ALA A 197 -2.08 -14.36 -10.21
N GLU A 198 -1.64 -15.53 -10.72
CA GLU A 198 -1.97 -15.92 -12.08
C GLU A 198 -3.47 -16.01 -12.28
N ARG A 199 -4.18 -16.61 -11.31
CA ARG A 199 -5.60 -16.85 -11.50
C ARG A 199 -6.39 -15.56 -11.56
N LEU A 200 -6.14 -14.63 -10.61
CA LEU A 200 -6.94 -13.41 -10.55
C LEU A 200 -6.47 -12.36 -11.55
N GLY A 201 -5.17 -12.34 -11.87
CA GLY A 201 -4.69 -11.42 -12.87
C GLY A 201 -5.17 -11.79 -14.27
N ARG A 202 -5.15 -13.08 -14.60
CA ARG A 202 -5.77 -13.56 -15.83
C ARG A 202 -7.25 -13.21 -15.83
N LEU A 203 -7.94 -13.50 -14.73
CA LEU A 203 -9.38 -13.22 -14.65
C LEU A 203 -9.65 -11.72 -14.76
N ALA A 204 -8.79 -10.89 -14.18
CA ALA A 204 -8.96 -9.44 -14.30
C ALA A 204 -8.93 -9.02 -15.76
N ARG A 205 -7.84 -9.36 -16.47
CA ARG A 205 -7.73 -9.05 -17.89
C ARG A 205 -8.92 -9.59 -18.66
N GLU A 206 -9.22 -10.89 -18.50
CA GLU A 206 -10.28 -11.48 -19.29
C GLU A 206 -11.65 -10.90 -18.99
N ARG A 207 -11.81 -10.23 -17.85
CA ARG A 207 -13.02 -9.47 -17.55
C ARG A 207 -12.97 -8.04 -18.08
N GLY A 208 -11.89 -7.66 -18.76
CA GLY A 208 -11.83 -6.37 -19.41
C GLY A 208 -11.02 -5.31 -18.69
N PHE A 209 -10.28 -5.67 -17.65
CA PHE A 209 -9.56 -4.68 -16.87
C PHE A 209 -8.42 -4.09 -17.68
N THR A 210 -8.33 -2.75 -17.69
CA THR A 210 -7.30 -2.06 -18.46
C THR A 210 -6.33 -1.27 -17.59
N GLY A 211 -6.37 -1.40 -16.27
CA GLY A 211 -5.46 -0.70 -15.40
C GLY A 211 -4.18 -1.45 -15.13
N VAL A 212 -3.54 -1.11 -14.01
CA VAL A 212 -2.25 -1.68 -13.62
C VAL A 212 -2.48 -2.89 -12.72
N LEU A 213 -1.83 -4.00 -13.04
CA LEU A 213 -1.82 -5.18 -12.19
C LEU A 213 -0.44 -5.32 -11.55
N LEU A 214 -0.42 -5.43 -10.22
CA LEU A 214 0.79 -5.70 -9.47
C LEU A 214 0.71 -7.09 -8.85
N ALA A 215 1.83 -7.80 -8.82
CA ALA A 215 1.87 -9.08 -8.13
C ALA A 215 2.74 -8.91 -6.90
N ILE A 216 2.17 -9.26 -5.74
CA ILE A 216 2.87 -9.12 -4.46
C ILE A 216 3.45 -10.47 -4.08
N GLY A 217 4.50 -10.88 -4.80
CA GLY A 217 5.19 -12.14 -4.54
C GLY A 217 6.62 -12.14 -5.06
N SER A 227 6.01 -18.31 -13.05
CA SER A 227 6.31 -17.70 -14.36
C SER A 227 5.03 -17.20 -15.01
N MET A 228 4.32 -16.28 -14.34
CA MET A 228 3.05 -15.68 -14.86
C MET A 228 3.43 -14.64 -15.92
N ARG A 229 4.09 -15.10 -16.99
CA ARG A 229 4.63 -14.16 -17.99
C ARG A 229 3.51 -13.41 -18.70
N GLY A 230 3.74 -12.14 -19.02
CA GLY A 230 2.82 -11.37 -19.83
C GLY A 230 1.59 -10.84 -19.15
N LEU A 231 1.53 -10.86 -17.80
CA LEU A 231 0.33 -10.47 -17.08
C LEU A 231 0.47 -9.19 -16.25
N PHE A 232 1.60 -8.97 -15.61
CA PHE A 232 1.72 -7.93 -14.61
C PHE A 232 2.59 -6.77 -15.10
N ASP A 233 2.17 -5.56 -14.74
CA ASP A 233 2.94 -4.37 -15.06
C ASP A 233 4.10 -4.16 -14.09
N ALA A 234 4.00 -4.69 -12.88
CA ALA A 234 5.11 -4.57 -11.94
C ALA A 234 4.97 -5.67 -10.91
N VAL A 235 6.08 -5.97 -10.26
CA VAL A 235 6.15 -7.04 -9.27
C VAL A 235 6.90 -6.50 -8.05
N VAL A 236 6.38 -6.81 -6.88
CA VAL A 236 7.00 -6.42 -5.62
C VAL A 236 8.06 -7.46 -5.26
N ILE A 237 9.28 -6.99 -5.01
CA ILE A 237 10.40 -7.87 -4.72
C ILE A 237 10.94 -7.48 -3.35
N GLY A 238 10.81 -8.38 -2.38
CA GLY A 238 11.35 -8.14 -1.06
C GLY A 238 12.69 -8.82 -0.83
N PRO A 245 0.20 -12.81 14.32
CA PRO A 245 1.21 -11.77 14.07
C PRO A 245 0.67 -10.36 14.22
N ASP A 246 1.56 -9.38 14.42
CA ASP A 246 1.14 -8.00 14.61
C ASP A 246 1.01 -7.31 13.24
N PRO A 247 0.57 -6.05 13.17
CA PRO A 247 0.32 -5.46 11.83
C PRO A 247 1.55 -5.40 10.93
N GLU A 248 2.70 -4.94 11.45
CA GLU A 248 3.88 -4.84 10.59
C GLU A 248 4.35 -6.22 10.14
N LYS A 249 4.31 -7.21 11.04
CA LYS A 249 4.66 -8.57 10.64
C LYS A 249 3.72 -9.08 9.55
N ALA A 250 2.41 -8.85 9.71
CA ALA A 250 1.46 -9.28 8.69
C ALA A 250 1.74 -8.61 7.34
N ILE A 251 2.06 -7.31 7.36
CA ILE A 251 2.40 -6.65 6.10
C ILE A 251 3.59 -7.35 5.46
N ARG A 252 4.61 -7.66 6.25
CA ARG A 252 5.82 -8.27 5.72
C ARG A 252 5.55 -9.63 5.10
N GLU A 253 4.58 -10.37 5.65
CA GLU A 253 4.15 -11.62 5.04
C GLU A 253 3.51 -11.39 3.68
N LEU A 254 2.71 -10.32 3.55
CA LEU A 254 2.10 -10.03 2.26
C LEU A 254 3.16 -9.79 1.19
N VAL A 255 4.34 -9.32 1.58
CA VAL A 255 5.42 -9.05 0.63
C VAL A 255 6.60 -9.97 0.93
#